data_4UT7
#
_entry.id   4UT7
#
_cell.length_a   62.920
_cell.length_b   47.670
_cell.length_c   90.670
_cell.angle_alpha   90.00
_cell.angle_beta   102.39
_cell.angle_gamma   90.00
#
_symmetry.space_group_name_H-M   'C 1 2 1'
#
loop_
_entity.id
_entity.type
_entity.pdbx_description
1 polymer 'BROADLY NEUTRALIZING HUMAN ANTIBODY EDE2 A11'
2 polymer 'BROADLY NEUTRALIZING HUMAN ANTIBODY EDE2 A11'
3 water water
#
loop_
_entity_poly.entity_id
_entity_poly.type
_entity_poly.pdbx_seq_one_letter_code
_entity_poly.pdbx_strand_id
1 'polypeptide(L)'
;EVQLVESGGGLVRPGGSLRLSCAASGFSYSNHWMHWVRQAPGKGLVWVSRINSDGSTRNYADFVKGRFTISRDNAENTLY
LEMNSLTADDTAVYYCVRDGVRFYYDSTGYYPDSFFKYGMDVWGQGTTVTVSSGTGGSGGGGSGGGGSGG
;
H
2 'polypeptide(L)'
;GASQSVLTQPVSVSGSPGQSITISCTGTSSNADTYNLVSWYQQRPGKAPKLMIYEGTKRPSGVSNRFSASKSATAASLTI
SGLQPEDEADYYCCSYATSRTLVFGGGTKLTVVAAADDDDKAGWSHPQFEKGGGSGGGSGGGSSAWSHPQFEK
;
L
#
# COMPACT_ATOMS: atom_id res chain seq x y z
N VAL A 2 13.27 -13.24 4.82
CA VAL A 2 12.55 -11.99 5.09
C VAL A 2 11.05 -12.25 5.15
N GLN A 3 10.41 -11.96 6.28
CA GLN A 3 8.96 -12.11 6.36
C GLN A 3 8.32 -11.16 7.35
N LEU A 4 7.03 -10.93 7.14
CA LEU A 4 6.19 -10.10 8.02
C LEU A 4 4.94 -10.92 8.27
N VAL A 5 4.61 -11.15 9.56
CA VAL A 5 3.42 -11.95 9.93
C VAL A 5 2.46 -11.13 10.81
N GLU A 6 1.23 -10.87 10.30
CA GLU A 6 0.28 -10.04 11.04
C GLU A 6 -0.55 -10.91 11.96
N SER A 7 -1.07 -10.31 13.03
CA SER A 7 -1.94 -10.97 13.99
C SER A 7 -2.95 -9.97 14.54
N GLY A 8 -4.01 -10.47 15.16
CA GLY A 8 -4.95 -9.64 15.89
C GLY A 8 -6.25 -9.35 15.18
N GLY A 9 -6.36 -9.83 13.95
CA GLY A 9 -7.53 -9.63 13.11
C GLY A 9 -8.65 -10.59 13.47
N GLY A 10 -9.86 -10.11 13.33
CA GLY A 10 -11.04 -10.91 13.63
C GLY A 10 -12.30 -10.07 13.64
N LEU A 11 -13.37 -10.64 14.19
CA LEU A 11 -14.65 -10.00 14.27
C LEU A 11 -14.68 -8.99 15.41
N VAL A 12 -15.18 -7.80 15.13
CA VAL A 12 -15.27 -6.71 16.10
C VAL A 12 -16.63 -6.06 15.92
N ARG A 13 -17.25 -5.64 17.00
CA ARG A 13 -18.54 -4.99 16.89
C ARG A 13 -18.41 -3.51 16.49
N PRO A 14 -19.43 -2.87 15.89
CA PRO A 14 -19.30 -1.45 15.54
C PRO A 14 -19.07 -0.63 16.80
N GLY A 15 -18.14 0.31 16.70
CA GLY A 15 -17.69 1.14 17.81
C GLY A 15 -16.58 0.50 18.62
N GLY A 16 -16.27 -0.75 18.31
CA GLY A 16 -15.27 -1.51 19.05
C GLY A 16 -13.83 -1.15 18.74
N SER A 17 -12.91 -1.75 19.50
CA SER A 17 -11.46 -1.52 19.38
C SER A 17 -10.73 -2.82 19.07
N LEU A 18 -9.57 -2.71 18.43
CA LEU A 18 -8.75 -3.88 18.14
C LEU A 18 -7.29 -3.44 18.10
N ARG A 19 -6.35 -4.35 18.44
CA ARG A 19 -4.92 -4.02 18.28
C ARG A 19 -4.31 -5.03 17.32
N LEU A 20 -3.87 -4.58 16.14
CA LEU A 20 -3.19 -5.49 15.24
C LEU A 20 -1.71 -5.48 15.60
N SER A 21 -1.04 -6.60 15.31
N SER A 21 -1.02 -6.58 15.29
CA SER A 21 0.40 -6.76 15.54
CA SER A 21 0.41 -6.66 15.49
C SER A 21 1.01 -7.34 14.30
C SER A 21 1.02 -7.31 14.29
N CYS A 22 2.33 -7.14 14.13
CA CYS A 22 3.06 -7.72 13.03
C CYS A 22 4.42 -8.09 13.52
N ALA A 23 4.85 -9.34 13.26
CA ALA A 23 6.18 -9.84 13.62
C ALA A 23 7.05 -9.83 12.39
N ALA A 24 8.19 -9.16 12.50
CA ALA A 24 9.13 -9.02 11.42
C ALA A 24 10.34 -9.89 11.64
N SER A 25 10.86 -10.47 10.57
CA SER A 25 12.08 -11.28 10.70
C SER A 25 12.89 -11.30 9.44
N GLY A 26 14.18 -11.54 9.61
CA GLY A 26 15.10 -11.69 8.49
C GLY A 26 15.72 -10.43 7.94
N PHE A 27 15.55 -9.28 8.63
CA PHE A 27 16.16 -7.99 8.22
C PHE A 27 16.38 -7.07 9.44
N SER A 28 17.13 -5.95 9.27
N SER A 28 17.12 -5.95 9.26
CA SER A 28 17.41 -5.01 10.35
CA SER A 28 17.40 -5.00 10.35
C SER A 28 16.15 -4.16 10.59
C SER A 28 16.14 -4.16 10.59
N TYR A 29 15.19 -4.73 11.34
CA TYR A 29 13.89 -4.10 11.62
C TYR A 29 13.96 -2.68 12.17
N SER A 30 14.82 -2.46 13.16
CA SER A 30 14.92 -1.18 13.86
C SER A 30 15.32 -0.02 12.95
N ASN A 31 15.96 -0.31 11.79
CA ASN A 31 16.38 0.73 10.85
C ASN A 31 15.42 0.98 9.68
N HIS A 32 14.27 0.31 9.67
CA HIS A 32 13.31 0.46 8.56
C HIS A 32 12.02 1.16 8.92
N TRP A 33 11.50 1.94 7.97
CA TRP A 33 10.14 2.47 8.10
C TRP A 33 9.18 1.29 7.88
N MET A 34 8.06 1.33 8.58
CA MET A 34 7.03 0.28 8.45
C MET A 34 5.70 0.96 8.17
N HIS A 35 4.87 0.33 7.35
CA HIS A 35 3.58 0.88 6.94
C HIS A 35 2.47 -0.11 7.22
N TRP A 36 1.24 0.43 7.33
CA TRP A 36 0.02 -0.37 7.33
C TRP A 36 -0.76 0.02 6.08
N VAL A 37 -1.23 -0.98 5.37
CA VAL A 37 -2.05 -0.80 4.15
C VAL A 37 -3.27 -1.66 4.37
N ARG A 38 -4.44 -1.26 3.85
CA ARG A 38 -5.61 -2.13 4.01
C ARG A 38 -6.34 -2.30 2.69
N GLN A 39 -7.23 -3.29 2.64
CA GLN A 39 -7.97 -3.56 1.43
C GLN A 39 -9.32 -4.11 1.80
N ALA A 40 -10.35 -3.30 1.55
CA ALA A 40 -11.72 -3.72 1.79
C ALA A 40 -12.09 -4.85 0.80
N PRO A 41 -13.00 -5.79 1.18
CA PRO A 41 -13.34 -6.90 0.26
C PRO A 41 -13.81 -6.40 -1.11
N GLY A 42 -13.16 -6.89 -2.16
CA GLY A 42 -13.44 -6.54 -3.55
C GLY A 42 -12.97 -5.17 -3.95
N LYS A 43 -12.24 -4.46 -3.08
CA LYS A 43 -11.82 -3.08 -3.35
C LYS A 43 -10.30 -2.95 -3.49
N GLY A 44 -9.83 -1.74 -3.60
CA GLY A 44 -8.42 -1.49 -3.85
C GLY A 44 -7.55 -1.36 -2.62
N LEU A 45 -6.24 -1.27 -2.83
CA LEU A 45 -5.30 -1.05 -1.72
C LEU A 45 -5.45 0.41 -1.24
N VAL A 46 -5.46 0.60 0.08
CA VAL A 46 -5.64 1.92 0.71
C VAL A 46 -4.56 2.10 1.77
N TRP A 47 -3.70 3.10 1.57
CA TRP A 47 -2.62 3.35 2.51
C TRP A 47 -3.20 3.91 3.84
N VAL A 48 -2.72 3.37 4.98
CA VAL A 48 -3.23 3.73 6.30
C VAL A 48 -2.25 4.55 7.11
N SER A 49 -1.01 4.08 7.26
CA SER A 49 -0.09 4.73 8.20
C SER A 49 1.35 4.32 7.95
N ARG A 50 2.30 5.11 8.48
CA ARG A 50 3.71 4.74 8.46
C ARG A 50 4.35 5.24 9.72
N ILE A 51 5.45 4.59 10.09
CA ILE A 51 6.23 4.97 11.28
C ILE A 51 7.72 4.86 11.00
N ASN A 52 8.51 5.82 11.46
CA ASN A 52 9.98 5.78 11.28
C ASN A 52 10.66 4.90 12.34
N SER A 53 11.99 4.82 12.29
CA SER A 53 12.74 3.94 13.19
C SER A 53 12.49 4.18 14.69
N ASP A 54 12.41 5.44 15.02
N ASP A 54 12.45 5.44 15.13
CA ASP A 54 12.34 6.07 16.33
CA ASP A 54 12.31 5.71 16.57
C ASP A 54 10.94 6.22 16.89
C ASP A 54 10.87 6.07 16.98
N GLY A 55 9.95 6.12 16.02
CA GLY A 55 8.55 6.42 16.34
C GLY A 55 8.32 7.93 16.50
N SER A 56 9.33 8.78 16.22
N SER A 56 9.33 8.79 16.20
CA SER A 56 9.19 10.23 16.30
CA SER A 56 9.14 10.25 16.27
C SER A 56 8.34 10.77 15.13
C SER A 56 8.21 10.71 15.16
N THR A 57 8.15 9.95 14.06
CA THR A 57 7.30 10.30 12.90
C THR A 57 6.30 9.20 12.68
N ARG A 58 5.02 9.53 12.81
CA ARG A 58 3.88 8.64 12.63
C ARG A 58 2.91 9.43 11.77
N ASN A 59 2.65 8.94 10.54
CA ASN A 59 1.74 9.61 9.63
C ASN A 59 0.57 8.76 9.37
N TYR A 60 -0.57 9.41 9.09
CA TYR A 60 -1.85 8.73 8.91
C TYR A 60 -2.61 9.24 7.72
N ALA A 61 -3.41 8.35 7.11
CA ALA A 61 -4.30 8.73 6.01
C ALA A 61 -5.41 9.61 6.60
N ASP A 62 -6.05 10.45 5.77
CA ASP A 62 -7.12 11.35 6.25
C ASP A 62 -8.30 10.67 6.93
N PHE A 63 -8.66 9.45 6.51
CA PHE A 63 -9.82 8.76 7.11
C PHE A 63 -9.57 8.26 8.54
N VAL A 64 -8.32 8.27 9.00
CA VAL A 64 -8.01 7.75 10.33
C VAL A 64 -8.61 8.65 11.40
N LYS A 65 -8.46 9.97 11.23
CA LYS A 65 -9.00 11.00 12.14
C LYS A 65 -8.73 10.72 13.65
N GLY A 66 -7.48 10.42 13.97
CA GLY A 66 -7.04 10.15 15.33
C GLY A 66 -7.49 8.85 15.97
N ARG A 67 -8.22 8.00 15.22
CA ARG A 67 -8.76 6.75 15.76
C ARG A 67 -7.75 5.62 15.83
N PHE A 68 -6.71 5.67 14.99
CA PHE A 68 -5.70 4.61 15.01
C PHE A 68 -4.37 5.17 15.47
N THR A 69 -3.61 4.38 16.21
CA THR A 69 -2.25 4.77 16.63
C THR A 69 -1.25 3.70 16.15
N ILE A 70 -0.24 4.09 15.35
CA ILE A 70 0.79 3.13 14.92
C ILE A 70 1.91 3.18 16.00
N SER A 71 2.57 2.04 16.24
CA SER A 71 3.67 1.95 17.21
C SER A 71 4.53 0.77 16.86
N ARG A 72 5.69 0.68 17.49
CA ARG A 72 6.62 -0.38 17.19
C ARG A 72 7.44 -0.69 18.41
N ASP A 73 7.99 -1.92 18.46
CA ASP A 73 8.90 -2.35 19.55
C ASP A 73 10.08 -2.95 18.83
N ASN A 74 11.16 -2.15 18.69
CA ASN A 74 12.27 -2.57 17.86
C ASN A 74 12.94 -3.86 18.30
N ALA A 75 13.29 -3.98 19.60
CA ALA A 75 13.96 -5.19 20.09
C ALA A 75 13.08 -6.44 19.95
N GLU A 76 11.74 -6.27 19.91
CA GLU A 76 10.81 -7.36 19.74
C GLU A 76 10.44 -7.58 18.29
N ASN A 77 11.00 -6.76 17.37
CA ASN A 77 10.72 -6.85 15.92
C ASN A 77 9.19 -6.82 15.70
N THR A 78 8.49 -5.91 16.38
CA THR A 78 7.03 -5.86 16.30
C THR A 78 6.53 -4.50 15.90
N LEU A 79 5.44 -4.53 15.12
CA LEU A 79 4.75 -3.36 14.64
C LEU A 79 3.32 -3.49 15.15
N TYR A 80 2.71 -2.38 15.58
CA TYR A 80 1.33 -2.43 16.07
C TYR A 80 0.46 -1.42 15.39
N LEU A 81 -0.85 -1.67 15.41
CA LEU A 81 -1.85 -0.70 15.00
C LEU A 81 -3.00 -0.78 16.02
N GLU A 82 -3.12 0.23 16.87
CA GLU A 82 -4.19 0.27 17.86
C GLU A 82 -5.34 0.98 17.17
N MET A 83 -6.51 0.34 17.10
CA MET A 83 -7.66 0.89 16.41
C MET A 83 -8.86 1.00 17.35
N ASN A 84 -9.47 2.18 17.41
CA ASN A 84 -10.67 2.45 18.22
C ASN A 84 -11.76 2.94 17.30
N SER A 85 -13.01 3.03 17.83
CA SER A 85 -14.20 3.55 17.15
C SER A 85 -14.33 3.03 15.73
N LEU A 86 -14.20 1.72 15.57
CA LEU A 86 -14.26 1.08 14.28
C LEU A 86 -15.66 1.05 13.69
N THR A 87 -15.77 1.21 12.36
CA THR A 87 -17.05 1.17 11.68
C THR A 87 -16.93 0.19 10.50
N ALA A 88 -18.08 -0.10 9.84
CA ALA A 88 -18.07 -0.97 8.66
C ALA A 88 -17.11 -0.41 7.59
N ASP A 89 -16.85 0.92 7.60
CA ASP A 89 -15.91 1.54 6.65
C ASP A 89 -14.50 1.00 6.82
N ASP A 90 -14.20 0.45 8.03
CA ASP A 90 -12.88 -0.08 8.38
C ASP A 90 -12.71 -1.60 8.14
N THR A 91 -13.78 -2.31 7.75
CA THR A 91 -13.68 -3.74 7.46
C THR A 91 -12.70 -3.90 6.28
N ALA A 92 -11.66 -4.74 6.45
CA ALA A 92 -10.62 -4.95 5.43
C ALA A 92 -9.59 -5.96 5.86
N VAL A 93 -8.73 -6.35 4.89
CA VAL A 93 -7.51 -7.08 5.19
C VAL A 93 -6.48 -5.96 5.48
N TYR A 94 -5.70 -6.10 6.57
CA TYR A 94 -4.67 -5.13 6.95
C TYR A 94 -3.34 -5.82 6.75
N TYR A 95 -2.51 -5.17 5.95
CA TYR A 95 -1.18 -5.65 5.61
C TYR A 95 -0.14 -4.84 6.32
N CYS A 96 0.85 -5.54 6.88
CA CYS A 96 2.06 -5.01 7.46
C CYS A 96 3.07 -4.93 6.31
N VAL A 97 3.73 -3.76 6.15
CA VAL A 97 4.59 -3.53 4.98
C VAL A 97 5.90 -2.84 5.33
N ARG A 98 6.99 -3.30 4.73
CA ARG A 98 8.32 -2.71 4.96
C ARG A 98 8.70 -1.75 3.81
N ASP A 99 9.33 -0.61 4.13
CA ASP A 99 9.86 0.25 3.05
C ASP A 99 11.34 -0.15 2.91
N GLY A 100 11.64 -1.12 2.06
CA GLY A 100 13.01 -1.58 1.87
C GLY A 100 13.90 -0.61 1.10
N VAL A 101 13.30 0.21 0.24
CA VAL A 101 14.06 1.14 -0.59
C VAL A 101 14.66 2.28 0.25
N ARG A 102 13.87 2.89 1.17
CA ARG A 102 14.34 3.99 2.00
C ARG A 102 15.61 3.63 2.77
N PHE A 103 15.72 2.37 3.19
CA PHE A 103 16.91 1.85 3.87
C PHE A 103 18.22 2.09 3.11
N TYR A 104 18.18 2.05 1.76
N TYR A 104 18.18 2.04 1.76
CA TYR A 104 19.37 2.26 0.93
CA TYR A 104 19.34 2.26 0.89
C TYR A 104 19.78 3.74 0.78
C TYR A 104 19.83 3.71 0.99
N TYR A 105 18.90 4.66 1.19
CA TYR A 105 19.18 6.11 1.18
C TYR A 105 19.40 6.64 2.59
N ASP A 106 18.60 6.20 3.57
CA ASP A 106 18.77 6.57 4.97
C ASP A 106 18.77 5.28 5.77
N SER A 107 19.96 4.76 6.04
CA SER A 107 20.10 3.50 6.80
C SER A 107 19.70 3.62 8.27
N THR A 108 19.47 4.85 8.79
CA THR A 108 19.02 5.03 10.19
C THR A 108 17.49 4.85 10.26
N GLY A 109 16.80 5.14 9.14
CA GLY A 109 15.33 5.09 9.11
C GLY A 109 14.69 6.19 9.94
N TYR A 110 15.45 7.23 10.27
CA TYR A 110 14.93 8.31 11.11
C TYR A 110 14.34 9.48 10.36
N TYR A 111 15.11 10.04 9.42
CA TYR A 111 14.77 11.31 8.81
C TYR A 111 13.47 11.33 8.01
N PRO A 112 12.52 12.23 8.37
CA PRO A 112 11.24 12.27 7.64
C PRO A 112 11.27 13.30 6.50
N ASP A 113 12.22 13.15 5.59
CA ASP A 113 12.35 14.08 4.47
C ASP A 113 11.10 14.02 3.59
N SER A 114 10.68 15.19 3.09
CA SER A 114 9.49 15.29 2.25
C SER A 114 9.68 14.53 0.93
N PHE A 115 8.68 13.75 0.55
CA PHE A 115 8.65 13.03 -0.74
C PHE A 115 9.91 12.17 -0.98
N PHE A 116 10.36 11.41 0.05
CA PHE A 116 11.57 10.63 -0.16
C PHE A 116 11.35 9.36 -0.98
N LYS A 117 12.40 8.91 -1.69
CA LYS A 117 12.34 7.67 -2.50
C LYS A 117 12.02 6.47 -1.58
N TYR A 118 11.03 5.69 -1.97
CA TYR A 118 10.51 4.58 -1.15
C TYR A 118 10.07 3.41 -2.07
N GLY A 119 9.82 2.26 -1.45
CA GLY A 119 9.36 1.07 -2.16
C GLY A 119 8.86 0.09 -1.14
N MET A 120 7.58 -0.32 -1.25
CA MET A 120 6.99 -1.25 -0.26
C MET A 120 7.29 -2.62 -0.78
N ASP A 121 8.48 -3.15 -0.44
CA ASP A 121 9.01 -4.37 -1.06
C ASP A 121 8.71 -5.68 -0.33
N VAL A 122 8.32 -5.61 0.96
CA VAL A 122 7.97 -6.81 1.74
C VAL A 122 6.58 -6.61 2.33
N TRP A 123 5.67 -7.58 2.05
CA TRP A 123 4.30 -7.50 2.52
C TRP A 123 3.99 -8.77 3.31
N GLY A 124 3.21 -8.61 4.36
CA GLY A 124 2.67 -9.78 5.05
C GLY A 124 1.50 -10.34 4.22
N GLN A 125 0.90 -11.49 4.64
CA GLN A 125 -0.25 -12.08 3.95
C GLN A 125 -1.54 -11.29 4.27
N GLY A 126 -1.50 -10.49 5.33
CA GLY A 126 -2.61 -9.65 5.76
C GLY A 126 -3.50 -10.32 6.79
N THR A 127 -4.06 -9.55 7.70
CA THR A 127 -4.99 -10.08 8.71
C THR A 127 -6.37 -9.45 8.47
N THR A 128 -7.44 -10.27 8.53
CA THR A 128 -8.78 -9.76 8.25
C THR A 128 -9.43 -9.13 9.47
N VAL A 129 -9.92 -7.90 9.30
CA VAL A 129 -10.69 -7.20 10.34
C VAL A 129 -12.12 -7.09 9.79
N THR A 130 -13.11 -7.64 10.53
CA THR A 130 -14.50 -7.58 10.11
C THR A 130 -15.28 -6.83 11.18
N VAL A 131 -15.72 -5.60 10.86
CA VAL A 131 -16.50 -4.76 11.79
C VAL A 131 -17.96 -5.08 11.43
N SER A 132 -18.58 -5.89 12.27
CA SER A 132 -19.89 -6.44 11.96
C SER A 132 -20.80 -6.64 13.15
N SER A 133 -22.09 -6.49 12.88
CA SER A 133 -23.14 -6.82 13.84
C SER A 133 -23.99 -7.97 13.25
N GLY A 134 -23.54 -8.57 12.13
CA GLY A 134 -24.28 -9.67 11.50
C GLY A 134 -25.55 -9.22 10.81
N THR A 135 -25.55 -7.98 10.36
CA THR A 135 -26.67 -7.37 9.66
C THR A 135 -26.20 -7.10 8.25
N GLY A 136 -27.10 -6.68 7.37
CA GLY A 136 -26.73 -6.33 6.00
C GLY A 136 -25.95 -5.03 5.98
N GLY A 137 -25.57 -4.58 4.77
CA GLY A 137 -24.84 -3.33 4.59
C GLY A 137 -25.51 -2.13 5.26
N SER A 138 -26.86 -2.12 5.29
CA SER A 138 -27.70 -1.09 5.90
C SER A 138 -27.55 -0.96 7.43
N GLY A 139 -27.06 -2.01 8.09
CA GLY A 139 -26.84 -2.03 9.53
C GLY A 139 -25.52 -1.40 9.96
N GLY A 140 -24.70 -1.01 8.97
CA GLY A 140 -23.41 -0.40 9.22
C GLY A 140 -23.48 1.10 9.47
N GLY A 141 -22.43 1.60 10.09
CA GLY A 141 -22.23 3.02 10.34
C GLY A 141 -21.06 3.53 9.52
N GLY A 142 -20.67 4.75 9.81
CA GLY A 142 -19.54 5.43 9.17
C GLY A 142 -19.11 6.61 10.02
N SER A 143 -18.40 7.57 9.42
N SER A 143 -18.41 7.57 9.42
CA SER A 143 -17.90 8.76 10.12
CA SER A 143 -17.91 8.77 10.10
C SER A 143 -18.99 9.81 10.33
C SER A 143 -19.01 9.79 10.34
N GLY A 144 -18.81 10.64 11.34
CA GLY A 144 -19.74 11.74 11.67
C GLY A 144 -19.50 12.91 10.73
N GLY A 145 -18.30 12.97 10.12
CA GLY A 145 -17.95 14.03 9.15
C GLY A 145 -17.11 15.20 9.59
N GLY A 146 -16.83 15.33 10.89
CA GLY A 146 -16.03 16.41 11.47
C GLY A 146 -14.53 16.12 11.47
N GLY A 147 -13.79 16.99 12.16
CA GLY A 147 -12.33 16.91 12.35
C GLY A 147 -11.53 17.01 11.08
N ALA B 2 -6.97 21.47 1.81
CA ALA B 2 -6.11 21.58 0.65
C ALA B 2 -6.15 20.32 -0.23
N SER B 3 -6.06 20.50 -1.56
CA SER B 3 -6.08 19.39 -2.52
C SER B 3 -4.82 18.53 -2.36
N GLN B 4 -4.99 17.23 -2.43
CA GLN B 4 -3.90 16.26 -2.34
C GLN B 4 -3.82 15.54 -3.66
N SER B 5 -2.66 14.89 -3.93
CA SER B 5 -2.53 14.13 -5.20
C SER B 5 -3.49 12.93 -5.19
N VAL B 6 -4.18 12.73 -6.32
CA VAL B 6 -5.15 11.66 -6.54
C VAL B 6 -4.66 10.93 -7.77
N LEU B 7 -4.48 9.62 -7.69
CA LEU B 7 -3.98 8.81 -8.81
C LEU B 7 -5.12 8.02 -9.43
N THR B 8 -5.26 8.12 -10.76
CA THR B 8 -6.31 7.43 -11.52
C THR B 8 -5.67 6.43 -12.48
N GLN B 9 -6.26 5.25 -12.56
CA GLN B 9 -5.82 4.20 -13.48
C GLN B 9 -7.07 3.72 -14.24
N PRO B 10 -6.92 3.07 -15.41
CA PRO B 10 -8.09 2.46 -16.07
C PRO B 10 -8.67 1.39 -15.15
N VAL B 11 -10.00 1.18 -15.13
CA VAL B 11 -10.58 0.17 -14.20
C VAL B 11 -10.14 -1.26 -14.63
N SER B 12 -10.04 -1.48 -15.94
CA SER B 12 -9.73 -2.80 -16.48
C SER B 12 -9.05 -2.74 -17.82
N VAL B 13 -8.28 -3.78 -18.10
CA VAL B 13 -7.57 -3.94 -19.37
C VAL B 13 -7.59 -5.43 -19.70
N SER B 14 -7.82 -5.76 -20.96
N SER B 14 -7.84 -5.76 -20.96
CA SER B 14 -7.78 -7.15 -21.39
CA SER B 14 -7.83 -7.15 -21.44
C SER B 14 -6.63 -7.29 -22.38
C SER B 14 -6.68 -7.31 -22.44
N GLY B 15 -5.98 -8.43 -22.34
CA GLY B 15 -4.90 -8.75 -23.26
C GLY B 15 -4.91 -10.22 -23.58
N SER B 16 -4.24 -10.59 -24.65
CA SER B 16 -4.12 -11.97 -25.07
C SER B 16 -2.68 -12.45 -24.81
N PRO B 17 -2.43 -13.77 -24.64
CA PRO B 17 -1.05 -14.23 -24.40
C PRO B 17 -0.09 -13.83 -25.53
N GLY B 18 1.11 -13.44 -25.14
CA GLY B 18 2.16 -13.00 -26.07
C GLY B 18 2.11 -11.51 -26.38
N GLN B 19 0.98 -10.84 -26.09
CA GLN B 19 0.83 -9.41 -26.39
C GLN B 19 1.46 -8.50 -25.34
N SER B 20 1.48 -7.18 -25.61
N SER B 20 1.47 -7.18 -25.61
CA SER B 20 2.00 -6.18 -24.67
CA SER B 20 2.00 -6.19 -24.68
C SER B 20 0.83 -5.30 -24.20
C SER B 20 0.84 -5.30 -24.21
N ILE B 21 0.84 -4.94 -22.91
CA ILE B 21 -0.17 -4.05 -22.33
C ILE B 21 0.53 -2.96 -21.56
N THR B 22 -0.07 -1.77 -21.54
CA THR B 22 0.44 -0.61 -20.82
C THR B 22 -0.68 -0.07 -19.96
N ILE B 23 -0.39 0.06 -18.65
CA ILE B 23 -1.34 0.59 -17.66
C ILE B 23 -0.81 1.96 -17.26
N SER B 24 -1.67 2.99 -17.38
CA SER B 24 -1.35 4.37 -17.04
C SER B 24 -1.79 4.70 -15.63
N CYS B 25 -1.08 5.66 -15.03
CA CYS B 25 -1.36 6.16 -13.70
C CYS B 25 -1.25 7.65 -13.90
N THR B 26 -2.38 8.37 -13.87
N THR B 26 -2.38 8.38 -13.91
CA THR B 26 -2.44 9.83 -14.10
CA THR B 26 -2.37 9.84 -14.09
C THR B 26 -2.91 10.53 -12.83
C THR B 26 -2.86 10.50 -12.81
N GLY B 27 -2.27 11.65 -12.49
CA GLY B 27 -2.63 12.37 -11.28
C GLY B 27 -3.29 13.73 -11.45
N THR B 28 -4.11 14.09 -10.46
CA THR B 28 -4.68 15.43 -10.29
C THR B 28 -3.98 15.97 -9.04
N SER B 29 -3.74 17.30 -8.98
CA SER B 29 -2.96 17.97 -7.91
C SER B 29 -1.58 17.28 -7.74
N SER B 30 -1.03 16.82 -8.87
CA SER B 30 0.24 16.08 -8.91
C SER B 30 1.29 16.85 -9.68
N ASN B 31 2.53 16.41 -9.61
CA ASN B 31 3.58 17.11 -10.33
C ASN B 31 4.62 16.10 -10.79
N ALA B 32 5.75 16.58 -11.38
CA ALA B 32 6.80 15.67 -11.88
C ALA B 32 7.34 14.73 -10.82
N ASP B 33 7.43 15.22 -9.57
CA ASP B 33 7.88 14.40 -8.44
C ASP B 33 6.88 13.28 -8.13
N THR B 34 5.58 13.52 -8.34
CA THR B 34 4.60 12.45 -8.13
C THR B 34 5.00 11.23 -8.99
N TYR B 35 5.28 11.45 -10.31
CA TYR B 35 5.61 10.37 -11.23
C TYR B 35 7.00 9.85 -11.03
N ASN B 36 7.95 10.70 -10.59
CA ASN B 36 9.31 10.25 -10.28
C ASN B 36 9.29 9.23 -9.15
N LEU B 37 8.28 9.32 -8.28
CA LEU B 37 8.18 8.46 -7.09
C LEU B 37 7.15 7.35 -7.17
N VAL B 38 6.56 7.15 -8.35
CA VAL B 38 5.54 6.11 -8.49
C VAL B 38 6.13 4.71 -8.27
N SER B 39 5.41 3.88 -7.53
CA SER B 39 5.79 2.48 -7.43
C SER B 39 4.56 1.68 -7.93
N TRP B 40 4.82 0.49 -8.49
CA TRP B 40 3.74 -0.36 -9.00
C TRP B 40 3.71 -1.67 -8.24
N TYR B 41 2.48 -2.17 -7.98
CA TYR B 41 2.27 -3.40 -7.22
C TYR B 41 1.37 -4.34 -7.98
N GLN B 42 1.73 -5.63 -8.01
CA GLN B 42 0.95 -6.68 -8.65
C GLN B 42 0.27 -7.46 -7.54
N GLN B 43 -1.04 -7.68 -7.66
CA GLN B 43 -1.74 -8.50 -6.68
C GLN B 43 -2.47 -9.60 -7.41
N ARG B 44 -1.89 -10.79 -7.39
CA ARG B 44 -2.51 -11.96 -8.03
C ARG B 44 -3.72 -12.45 -7.19
N PRO B 45 -4.73 -13.13 -7.79
CA PRO B 45 -5.89 -13.58 -6.99
C PRO B 45 -5.48 -14.42 -5.78
N GLY B 46 -5.89 -13.96 -4.60
CA GLY B 46 -5.60 -14.62 -3.32
C GLY B 46 -4.19 -14.46 -2.79
N LYS B 47 -3.38 -13.58 -3.42
CA LYS B 47 -2.01 -13.35 -2.98
C LYS B 47 -1.83 -11.94 -2.42
N ALA B 48 -0.75 -11.75 -1.65
CA ALA B 48 -0.39 -10.45 -1.11
C ALA B 48 0.22 -9.63 -2.27
N PRO B 49 0.15 -8.29 -2.23
CA PRO B 49 0.77 -7.48 -3.29
C PRO B 49 2.30 -7.69 -3.33
N LYS B 50 2.86 -7.44 -4.50
CA LYS B 50 4.30 -7.59 -4.75
C LYS B 50 4.78 -6.32 -5.49
N LEU B 51 5.90 -5.79 -5.04
CA LEU B 51 6.51 -4.59 -5.63
C LEU B 51 7.11 -4.97 -6.99
N MET B 52 6.68 -4.27 -8.05
CA MET B 52 7.16 -4.55 -9.39
C MET B 52 8.11 -3.47 -9.87
N ILE B 53 7.83 -2.19 -9.50
CA ILE B 53 8.62 -1.05 -9.94
C ILE B 53 8.63 -0.05 -8.80
N TYR B 54 9.75 0.66 -8.63
CA TYR B 54 9.84 1.75 -7.65
C TYR B 54 10.59 2.90 -8.31
N GLU B 55 10.48 4.14 -7.75
CA GLU B 55 11.18 5.31 -8.29
C GLU B 55 10.82 5.51 -9.77
N GLY B 56 9.54 5.28 -10.10
CA GLY B 56 9.02 5.48 -11.44
C GLY B 56 9.40 4.43 -12.47
N THR B 57 10.67 3.99 -12.54
CA THR B 57 11.11 3.07 -13.60
C THR B 57 12.04 1.92 -13.16
N LYS B 58 12.44 1.89 -11.87
CA LYS B 58 13.39 0.89 -11.40
C LYS B 58 12.72 -0.40 -11.08
N ARG B 59 13.28 -1.49 -11.58
CA ARG B 59 12.71 -2.82 -11.33
C ARG B 59 13.57 -3.56 -10.25
N PRO B 60 12.97 -4.02 -9.13
CA PRO B 60 13.77 -4.78 -8.12
C PRO B 60 14.27 -6.12 -8.67
N SER B 61 15.38 -6.65 -8.12
CA SER B 61 15.90 -7.95 -8.55
C SER B 61 14.86 -9.04 -8.23
N GLY B 62 14.78 -10.03 -9.10
CA GLY B 62 13.80 -11.11 -8.96
C GLY B 62 12.57 -10.87 -9.80
N VAL B 63 12.20 -9.58 -10.02
CA VAL B 63 11.03 -9.22 -10.84
C VAL B 63 11.37 -9.45 -12.31
N SER B 64 10.50 -10.18 -13.02
CA SER B 64 10.69 -10.53 -14.44
C SER B 64 11.00 -9.31 -15.32
N ASN B 65 11.94 -9.48 -16.27
CA ASN B 65 12.32 -8.43 -17.23
C ASN B 65 11.18 -8.12 -18.25
N ARG B 66 10.05 -8.86 -18.16
CA ARG B 66 8.87 -8.60 -18.99
C ARG B 66 8.12 -7.35 -18.45
N PHE B 67 8.48 -6.92 -17.22
CA PHE B 67 7.89 -5.73 -16.60
C PHE B 67 8.85 -4.57 -16.76
N SER B 68 8.35 -3.47 -17.34
CA SER B 68 9.15 -2.26 -17.47
C SER B 68 8.20 -1.08 -17.19
N ALA B 69 8.76 0.09 -16.96
CA ALA B 69 7.93 1.25 -16.65
C ALA B 69 8.52 2.49 -17.21
N SER B 70 7.66 3.48 -17.46
CA SER B 70 8.12 4.76 -17.97
C SER B 70 7.38 5.84 -17.21
N LYS B 71 7.91 7.05 -17.27
CA LYS B 71 7.29 8.19 -16.63
C LYS B 71 7.64 9.45 -17.36
N SER B 72 6.70 10.40 -17.29
CA SER B 72 6.83 11.73 -17.86
C SER B 72 6.49 12.72 -16.74
N ALA B 73 6.34 14.01 -17.07
CA ALA B 73 5.96 15.00 -16.06
C ALA B 73 4.44 14.96 -15.83
N THR B 74 3.69 14.13 -16.62
CA THR B 74 2.21 14.10 -16.49
C THR B 74 1.60 12.73 -16.19
N ALA B 75 2.37 11.66 -16.30
CA ALA B 75 1.87 10.29 -16.05
C ALA B 75 3.02 9.31 -15.83
N ALA B 76 2.66 8.15 -15.32
CA ALA B 76 3.59 7.04 -15.12
C ALA B 76 2.89 5.86 -15.77
N SER B 77 3.64 4.95 -16.35
CA SER B 77 3.02 3.80 -17.01
C SER B 77 3.81 2.54 -16.72
N LEU B 78 3.11 1.40 -16.58
CA LEU B 78 3.71 0.08 -16.42
C LEU B 78 3.43 -0.67 -17.71
N THR B 79 4.46 -1.35 -18.27
CA THR B 79 4.32 -2.13 -19.49
C THR B 79 4.68 -3.56 -19.20
N ILE B 80 3.81 -4.47 -19.61
CA ILE B 80 4.04 -5.88 -19.46
C ILE B 80 4.13 -6.41 -20.87
N SER B 81 5.31 -6.95 -21.24
N SER B 81 5.30 -6.94 -21.24
CA SER B 81 5.57 -7.53 -22.56
CA SER B 81 5.52 -7.54 -22.56
C SER B 81 5.38 -9.04 -22.46
C SER B 81 5.32 -9.04 -22.45
N GLY B 82 5.07 -9.70 -23.59
CA GLY B 82 4.90 -11.14 -23.66
C GLY B 82 3.95 -11.71 -22.62
N LEU B 83 2.74 -11.16 -22.60
CA LEU B 83 1.70 -11.52 -21.63
C LEU B 83 1.54 -13.01 -21.41
N GLN B 84 1.54 -13.40 -20.14
CA GLN B 84 1.35 -14.79 -19.73
C GLN B 84 0.13 -14.90 -18.82
N PRO B 85 -0.57 -16.06 -18.79
CA PRO B 85 -1.73 -16.21 -17.85
C PRO B 85 -1.46 -15.81 -16.39
N GLU B 86 -0.22 -16.01 -15.91
CA GLU B 86 0.16 -15.65 -14.53
C GLU B 86 0.18 -14.14 -14.29
N ASP B 87 0.10 -13.32 -15.36
CA ASP B 87 0.07 -11.87 -15.24
C ASP B 87 -1.33 -11.36 -14.87
N GLU B 88 -2.32 -12.24 -14.94
CA GLU B 88 -3.69 -11.90 -14.59
C GLU B 88 -3.67 -11.53 -13.12
N ALA B 89 -4.01 -10.26 -12.83
CA ALA B 89 -3.90 -9.74 -11.47
C ALA B 89 -4.47 -8.34 -11.45
N ASP B 90 -4.58 -7.75 -10.25
CA ASP B 90 -4.87 -6.33 -10.09
C ASP B 90 -3.53 -5.61 -9.96
N TYR B 91 -3.34 -4.49 -10.66
CA TYR B 91 -2.13 -3.69 -10.60
C TYR B 91 -2.49 -2.34 -10.00
N TYR B 92 -1.69 -1.87 -9.03
CA TYR B 92 -1.90 -0.59 -8.37
C TYR B 92 -0.67 0.30 -8.53
N CYS B 93 -0.89 1.60 -8.83
CA CYS B 93 0.21 2.54 -8.77
C CYS B 93 0.11 3.19 -7.38
N CYS B 94 1.22 3.74 -6.89
CA CYS B 94 1.30 4.39 -5.60
C CYS B 94 2.28 5.54 -5.69
N SER B 95 1.99 6.68 -5.02
CA SER B 95 2.91 7.79 -4.92
C SER B 95 2.54 8.60 -3.66
N TYR B 96 3.13 9.76 -3.49
CA TYR B 96 2.79 10.63 -2.36
C TYR B 96 1.52 11.40 -2.63
N ALA B 97 0.61 11.43 -1.64
CA ALA B 97 -0.60 12.25 -1.68
C ALA B 97 -0.22 13.67 -1.17
N THR B 98 0.68 13.73 -0.15
CA THR B 98 1.25 14.95 0.44
C THR B 98 2.71 14.62 0.71
N SER B 99 3.44 15.55 1.29
CA SER B 99 4.86 15.34 1.59
C SER B 99 5.15 14.15 2.54
N ARG B 100 4.13 13.73 3.33
N ARG B 100 4.13 13.74 3.34
CA ARG B 100 4.31 12.69 4.34
CA ARG B 100 4.28 12.70 4.36
C ARG B 100 3.25 11.60 4.35
C ARG B 100 3.25 11.57 4.34
N THR B 101 2.47 11.44 3.24
CA THR B 101 1.44 10.40 3.14
C THR B 101 1.43 9.84 1.75
N LEU B 102 1.17 8.54 1.65
CA LEU B 102 1.11 7.87 0.36
C LEU B 102 -0.32 7.63 -0.02
N VAL B 103 -0.58 7.38 -1.29
CA VAL B 103 -1.91 7.05 -1.82
C VAL B 103 -1.72 6.07 -2.96
N PHE B 104 -2.64 5.12 -3.07
CA PHE B 104 -2.65 4.21 -4.20
C PHE B 104 -3.67 4.72 -5.23
N GLY B 105 -3.47 4.33 -6.49
CA GLY B 105 -4.46 4.52 -7.55
C GLY B 105 -5.56 3.51 -7.23
N GLY B 106 -6.68 3.60 -7.94
CA GLY B 106 -7.82 2.70 -7.71
C GLY B 106 -7.64 1.25 -8.14
N GLY B 107 -6.57 0.97 -8.88
CA GLY B 107 -6.27 -0.37 -9.37
C GLY B 107 -6.80 -0.65 -10.76
N THR B 108 -6.10 -1.52 -11.48
CA THR B 108 -6.47 -1.96 -12.81
C THR B 108 -6.53 -3.47 -12.80
N LYS B 109 -7.67 -4.03 -13.20
CA LYS B 109 -7.82 -5.48 -13.28
C LYS B 109 -7.40 -5.88 -14.70
N LEU B 110 -6.33 -6.65 -14.79
CA LEU B 110 -5.82 -7.15 -16.04
C LEU B 110 -6.34 -8.56 -16.21
N THR B 111 -7.11 -8.77 -17.30
CA THR B 111 -7.60 -10.10 -17.65
C THR B 111 -6.74 -10.63 -18.79
N VAL B 112 -6.23 -11.87 -18.67
CA VAL B 112 -5.48 -12.49 -19.77
C VAL B 112 -6.49 -13.44 -20.42
N VAL B 113 -6.89 -13.15 -21.66
CA VAL B 113 -7.93 -13.89 -22.35
C VAL B 113 -7.38 -15.18 -22.95
N ALA B 114 -7.88 -16.34 -22.49
CA ALA B 114 -7.45 -17.64 -23.03
C ALA B 114 -8.38 -18.11 -24.15
#